data_4P9R
#
_entry.id   4P9R
#
_cell.length_a   59.440
_cell.length_b   86.260
_cell.length_c   109.780
_cell.angle_alpha   90.00
_cell.angle_beta   90.00
_cell.angle_gamma   90.00
#
_symmetry.space_group_name_H-M   'P 21 21 21'
#
loop_
_entity.id
_entity.type
_entity.pdbx_description
1 polymer 'RNA (189-MER)'
2 non-polymer 'IRIDIUM HEXAMMINE ION'
3 non-polymer 'MAGNESIUM ION'
4 water water
#
_entity_poly.entity_id   1
_entity_poly.type   'polyribonucleotide'
_entity_poly.pdbx_seq_one_letter_code
;CAUCCGGUAUCCCAAGACAAUCUUCGGGUUGGGUUGGGAAGUAUCAUGGCUAAUCACCAUGAUGCAAUCGGGUUGAACAC
UUAAUUGGGUUAAAACGGUGGGGGACGAUCCCGUAACAUCCGUCCUAACGGCGACAGACUGCACGGCCCUGCCUCUUAGG
UGUGUCCAAUGAACAGUCGUUCCGAAAGGAAG
;
_entity_poly.pdbx_strand_id   A
#
loop_
_chem_comp.id
_chem_comp.type
_chem_comp.name
_chem_comp.formula
A RNA linking ADENOSINE-5'-MONOPHOSPHATE 'C10 H14 N5 O7 P'
C RNA linking CYTIDINE-5'-MONOPHOSPHATE 'C9 H14 N3 O8 P'
G RNA linking GUANOSINE-5'-MONOPHOSPHATE 'C10 H14 N5 O8 P'
IRI non-polymer 'IRIDIUM HEXAMMINE ION' 'H18 Ir N6 3'
MG non-polymer 'MAGNESIUM ION' 'Mg 2'
U RNA linking URIDINE-5'-MONOPHOSPHATE 'C9 H13 N2 O9 P'
#
# COMPACT_ATOMS: atom_id res chain seq x y z
IR IRI B . 16.53 -7.28 -14.30
N1 IRI B . 18.52 -6.27 -13.99
N2 IRI B . 16.39 -6.42 -16.36
N3 IRI B . 14.55 -8.36 -14.55
N4 IRI B . 16.69 -8.14 -12.21
N5 IRI B . 17.59 -9.11 -15.07
N6 IRI B . 15.44 -5.49 -13.49
IR IRI C . -2.82 -7.65 -6.70
N1 IRI C . -2.46 -9.08 -8.41
N2 IRI C . -2.94 -5.92 -8.11
N3 IRI C . -3.23 -6.31 -4.92
N4 IRI C . -2.72 -9.40 -5.26
N5 IRI C . -5.04 -8.01 -6.93
N6 IRI C . -0.63 -7.29 -6.42
IR IRI D . 0.22 32.91 -3.12
N1 IRI D . -1.55 32.15 -4.28
N2 IRI D . -0.44 35.01 -3.47
N3 IRI D . 2.00 33.60 -1.88
N4 IRI D . 0.88 30.78 -2.76
N5 IRI D . -1.03 32.82 -1.24
N6 IRI D . 1.50 33.00 -4.95
IR IRI E . -20.55 -9.72 1.90
N1 IRI E . -19.10 -8.07 2.45
N2 IRI E . -21.57 -8.37 0.44
N3 IRI E . -21.93 -11.43 1.40
N4 IRI E . -19.50 -11.08 3.38
N5 IRI E . -19.12 -10.42 0.28
N6 IRI E . -21.96 -9.07 3.50
IR IRI F . 3.50 12.42 -16.68
N1 IRI F . 4.61 14.38 -16.85
N2 IRI F . 5.34 11.36 -15.99
N3 IRI F . 2.28 10.52 -16.48
N4 IRI F . 1.62 13.48 -17.37
N5 IRI F . 2.99 12.95 -14.54
N6 IRI F . 3.96 11.88 -18.80
IR IRI G . 24.34 -17.46 0.01
N1 IRI G . 23.77 -16.42 1.93
N2 IRI G . 26.30 -16.37 -0.02
N3 IRI G . 24.85 -18.57 -1.90
N4 IRI G . 22.36 -18.55 0.04
N5 IRI G . 25.26 -19.12 1.22
N6 IRI G . 23.39 -15.84 -1.23
IR IRI H . -4.80 -1.65 10.63
N1 IRI H . -4.63 -0.72 8.58
N2 IRI H . -3.54 -3.39 10.00
N3 IRI H . -4.96 -2.48 12.74
N4 IRI H . -6.10 0.09 11.25
N5 IRI H . -2.96 -0.53 11.28
N6 IRI H . -6.66 -2.78 10.03
IR IRI I . -26.27 -22.14 6.74
N1 IRI I . -24.73 -20.48 6.70
N2 IRI I . -24.64 -23.68 6.68
N3 IRI I . -27.87 -23.74 6.84
N4 IRI I . -27.90 -20.58 6.80
N5 IRI I . -26.18 -22.13 9.00
N6 IRI I . -26.39 -22.17 4.50
IR IRI J . -7.46 28.12 -5.16
N1 IRI J . -6.01 29.45 -6.28
N2 IRI J . -5.77 27.23 -3.99
N3 IRI J . -8.99 26.86 -4.06
N4 IRI J . -9.16 29.02 -6.35
N5 IRI J . -7.69 29.75 -3.60
N6 IRI J . -7.26 26.49 -6.68
IR IRI K . 19.78 -3.80 22.36
N1 IRI K . 18.25 -3.60 24.02
N2 IRI K . 20.01 -1.58 22.25
N3 IRI K . 21.32 -4.12 20.74
N4 IRI K . 19.50 -6.05 22.47
N5 IRI K . 21.42 -3.88 23.92
N6 IRI K . 18.17 -3.71 20.80
MG MG L . -1.84 5.19 20.44
MG MG M . -5.91 -3.23 23.23
MG MG N . -8.98 -27.78 -14.16
#